data_5AQW
#
_entry.id   5AQW
#
_cell.length_a   68.942
_cell.length_b   70.207
_cell.length_c   84.769
_cell.angle_alpha   90.00
_cell.angle_beta   90.00
_cell.angle_gamma   90.00
#
_symmetry.space_group_name_H-M   'P 21 21 21'
#
loop_
_entity.id
_entity.type
_entity.pdbx_description
1 polymer 'HEAT SHOCK 70 KDA PROTEIN 1A'
2 non-polymer (1S,2R,3R,5R)-3-(hydroxymethyl)-5-(quinazolin-4-ylamino)cyclopentane-1,2-diol
3 non-polymer 'PHOSPHATE ION'
4 non-polymer (2S,3S)-1,4-DIMERCAPTOBUTANE-2,3-DIOL
5 non-polymer 1,2-ETHANEDIOL
6 non-polymer 'MAGNESIUM ION'
7 water water
#
_entity_poly.entity_id   1
_entity_poly.type   'polypeptide(L)'
_entity_poly.pdbx_seq_one_letter_code
;GPLGSMAKAAAIGIDLGTTYSCVGVFQHGKVEIIANDQGNRTTPSYVAFTDTERLIGDAAKNQVALNPQNTVFDAKRLIG
RKFGDPVVQSDMKHWPFQVINDGDKPKVQVSYKGETKAFYPEEISSMVLTKMKEIAEAYLGYPVTNAVITVPAYFNDSQR
QATKDAGVIAGLNVLRIINEPTAAAIAYGLDRTGKGERNVLIFDLGGGTFDVSILTIDDGIFEVKATAGDTHLGGEDFDN
RLVNHFVEEFKRKHKKDISQNKRAVRRLRTACERAKRTLSSSTQASLEIDSLFEGIDFYTSITRARFEELCSDLFRSTLE
PVEKALRDAKLDKAQIHDLVLVGGSTRIPKVQKLLQDFFNGRDLNKSINPDEAVAYGAAVQAAILIKSTRAAAS
;
_entity_poly.pdbx_strand_id   A
#
loop_
_chem_comp.id
_chem_comp.type
_chem_comp.name
_chem_comp.formula
5P7 non-polymer (1S,2R,3R,5R)-3-(hydroxymethyl)-5-(quinazolin-4-ylamino)cyclopentane-1,2-diol 'C14 H17 N3 O3'
DTV non-polymer (2S,3S)-1,4-DIMERCAPTOBUTANE-2,3-DIOL 'C4 H10 O2 S2'
EDO non-polymer 1,2-ETHANEDIOL 'C2 H6 O2'
MG non-polymer 'MAGNESIUM ION' 'Mg 2'
PO4 non-polymer 'PHOSPHATE ION' 'O4 P -3'
#
# COMPACT_ATOMS: atom_id res chain seq x y z
N LYS A 8 -24.50 19.80 -3.08
CA LYS A 8 -23.54 19.97 -4.16
C LYS A 8 -22.61 18.74 -4.31
N ALA A 9 -21.59 18.85 -5.21
CA ALA A 9 -20.64 17.78 -5.50
C ALA A 9 -19.91 17.29 -4.26
N ALA A 10 -19.92 15.96 -4.05
CA ALA A 10 -19.25 15.36 -2.90
C ALA A 10 -17.74 15.43 -3.07
N ALA A 11 -17.00 15.51 -1.97
CA ALA A 11 -15.54 15.52 -1.98
C ALA A 11 -15.14 14.07 -1.71
N ILE A 12 -13.95 13.67 -2.16
CA ILE A 12 -13.52 12.29 -2.00
C ILE A 12 -12.31 12.16 -1.09
N GLY A 13 -12.12 10.96 -0.55
CA GLY A 13 -10.95 10.61 0.26
C GLY A 13 -10.07 9.64 -0.49
N ILE A 14 -8.79 9.94 -0.62
CA ILE A 14 -7.88 9.06 -1.33
C ILE A 14 -6.68 8.59 -0.52
N ASP A 15 -6.48 7.29 -0.48
CA ASP A 15 -5.33 6.71 0.18
C ASP A 15 -4.36 6.47 -0.98
N LEU A 16 -3.33 7.30 -1.07
CA LEU A 16 -2.33 7.15 -2.13
C LEU A 16 -1.24 6.30 -1.52
N GLY A 17 -1.37 4.98 -1.68
CA GLY A 17 -0.45 4.01 -1.09
C GLY A 17 0.82 3.74 -1.88
N THR A 18 1.84 3.16 -1.17
CA THR A 18 3.09 2.80 -1.86
C THR A 18 2.82 1.79 -2.99
N THR A 19 2.03 0.74 -2.69
CA THR A 19 1.76 -0.34 -3.66
C THR A 19 0.34 -0.29 -4.24
N TYR A 20 -0.67 0.09 -3.42
CA TYR A 20 -2.06 0.21 -3.86
C TYR A 20 -2.69 1.52 -3.41
N SER A 21 -3.68 1.99 -4.16
CA SER A 21 -4.44 3.19 -3.81
C SER A 21 -5.92 2.83 -3.70
N CYS A 22 -6.67 3.66 -2.97
CA CYS A 22 -8.07 3.37 -2.66
C CYS A 22 -8.79 4.69 -2.56
N VAL A 23 -10.04 4.76 -3.10
CA VAL A 23 -10.85 5.99 -3.07
C VAL A 23 -12.24 5.72 -2.44
N GLY A 24 -12.65 6.63 -1.57
CA GLY A 24 -13.94 6.56 -0.89
C GLY A 24 -14.73 7.85 -0.96
N VAL A 25 -16.05 7.75 -0.76
CA VAL A 25 -16.93 8.91 -0.76
C VAL A 25 -17.98 8.73 0.32
N PHE A 26 -18.24 9.78 1.11
CA PHE A 26 -19.29 9.74 2.13
C PHE A 26 -20.55 10.29 1.46
N GLN A 27 -21.55 9.41 1.27
CA GLN A 27 -22.81 9.73 0.59
C GLN A 27 -23.95 9.00 1.28
N HIS A 28 -25.12 9.65 1.36
CA HIS A 28 -26.32 9.06 1.97
C HIS A 28 -26.08 8.46 3.38
N GLY A 29 -25.32 9.17 4.21
CA GLY A 29 -25.01 8.78 5.58
C GLY A 29 -24.02 7.64 5.77
N LYS A 30 -23.30 7.23 4.72
CA LYS A 30 -22.34 6.13 4.82
C LYS A 30 -21.17 6.28 3.85
N VAL A 31 -20.05 5.56 4.13
CA VAL A 31 -18.91 5.60 3.21
C VAL A 31 -19.07 4.50 2.19
N GLU A 32 -18.93 4.86 0.92
N GLU A 32 -18.93 4.88 0.93
CA GLU A 32 -18.79 3.88 -0.13
CA GLU A 32 -18.77 3.91 -0.14
C GLU A 32 -17.34 3.88 -0.62
C GLU A 32 -17.31 3.90 -0.58
N ILE A 33 -16.71 2.70 -0.55
CA ILE A 33 -15.36 2.53 -1.08
C ILE A 33 -15.66 2.15 -2.51
N ILE A 34 -15.10 2.90 -3.45
CA ILE A 34 -15.44 2.72 -4.86
C ILE A 34 -14.62 1.73 -5.69
N ALA A 35 -15.32 0.81 -6.32
CA ALA A 35 -14.71 -0.19 -7.17
C ALA A 35 -14.30 0.41 -8.51
N ASN A 36 -13.18 -0.05 -9.05
CA ASN A 36 -12.69 0.43 -10.34
C ASN A 36 -13.41 -0.31 -11.48
N ASP A 37 -13.02 -0.04 -12.71
CA ASP A 37 -13.70 -0.69 -13.85
C ASP A 37 -13.57 -2.21 -13.91
N GLN A 38 -12.57 -2.76 -13.23
CA GLN A 38 -12.38 -4.20 -13.17
C GLN A 38 -13.11 -4.80 -11.96
N GLY A 39 -13.75 -3.94 -11.16
CA GLY A 39 -14.49 -4.36 -9.98
C GLY A 39 -13.68 -4.45 -8.70
N ASN A 40 -12.45 -3.94 -8.74
CA ASN A 40 -11.55 -3.99 -7.58
C ASN A 40 -11.65 -2.74 -6.71
N ARG A 41 -11.76 -2.92 -5.38
CA ARG A 41 -11.90 -1.77 -4.47
C ARG A 41 -10.55 -1.11 -4.11
N THR A 42 -9.41 -1.66 -4.60
CA THR A 42 -8.09 -1.03 -4.50
C THR A 42 -7.49 -1.13 -5.89
N THR A 43 -6.59 -0.19 -6.23
CA THR A 43 -5.96 -0.09 -7.55
C THR A 43 -4.43 -0.04 -7.37
N PRO A 44 -3.65 -0.84 -8.10
CA PRO A 44 -2.17 -0.74 -7.95
C PRO A 44 -1.66 0.66 -8.30
N SER A 45 -0.68 1.15 -7.53
CA SER A 45 -0.06 2.45 -7.73
C SER A 45 1.06 2.27 -8.81
N TYR A 46 0.63 1.84 -10.01
CA TYR A 46 1.52 1.50 -11.14
C TYR A 46 1.15 2.30 -12.39
N VAL A 47 2.17 2.69 -13.19
CA VAL A 47 1.97 3.39 -14.45
C VAL A 47 2.89 2.72 -15.47
N ALA A 48 2.37 2.27 -16.60
CA ALA A 48 3.19 1.64 -17.64
C ALA A 48 3.12 2.41 -18.95
N PHE A 49 4.24 2.43 -19.70
CA PHE A 49 4.30 3.17 -20.97
C PHE A 49 4.63 2.18 -22.05
N THR A 50 3.84 2.18 -23.13
CA THR A 50 4.02 1.23 -24.24
C THR A 50 4.25 2.00 -25.54
N ASP A 51 4.31 1.29 -26.68
CA ASP A 51 4.47 1.98 -27.97
C ASP A 51 3.21 2.75 -28.34
N THR A 52 2.04 2.41 -27.74
CA THR A 52 0.75 3.04 -28.13
C THR A 52 -0.01 3.69 -26.99
N GLU A 53 0.30 3.37 -25.73
CA GLU A 53 -0.51 3.96 -24.66
C GLU A 53 0.17 4.07 -23.30
N ARG A 54 -0.51 4.77 -22.39
CA ARG A 54 -0.11 4.91 -21.00
C ARG A 54 -1.18 4.15 -20.22
N LEU A 55 -0.76 3.14 -19.44
CA LEU A 55 -1.66 2.28 -18.68
C LEU A 55 -1.51 2.66 -17.21
N ILE A 56 -2.63 2.69 -16.44
CA ILE A 56 -2.54 3.02 -15.02
C ILE A 56 -3.36 1.99 -14.23
N GLY A 57 -2.81 1.53 -13.10
CA GLY A 57 -3.52 0.61 -12.22
C GLY A 57 -3.41 -0.83 -12.60
N ASP A 58 -4.57 -1.56 -12.59
CA ASP A 58 -4.60 -2.97 -12.92
C ASP A 58 -3.93 -3.32 -14.24
N ALA A 59 -4.26 -2.58 -15.32
CA ALA A 59 -3.68 -2.88 -16.64
C ALA A 59 -2.15 -2.70 -16.65
N ALA A 60 -1.64 -1.75 -15.86
CA ALA A 60 -0.17 -1.57 -15.76
C ALA A 60 0.47 -2.73 -15.01
N LYS A 61 -0.04 -3.07 -13.80
CA LYS A 61 0.54 -4.19 -13.04
C LYS A 61 0.48 -5.52 -13.82
N ASN A 62 -0.60 -5.71 -14.57
CA ASN A 62 -0.82 -6.93 -15.33
C ASN A 62 0.23 -7.25 -16.41
N GLN A 63 0.78 -6.22 -17.03
CA GLN A 63 1.78 -6.41 -18.09
C GLN A 63 3.24 -6.22 -17.66
N VAL A 64 3.50 -6.18 -16.37
CA VAL A 64 4.86 -5.95 -15.89
C VAL A 64 5.91 -6.96 -16.37
N ALA A 65 5.56 -8.25 -16.42
CA ALA A 65 6.51 -9.28 -16.86
C ALA A 65 6.96 -9.12 -18.30
N LEU A 66 6.12 -8.47 -19.14
CA LEU A 66 6.49 -8.27 -20.55
C LEU A 66 6.99 -6.84 -20.84
N ASN A 67 7.06 -5.97 -19.81
CA ASN A 67 7.52 -4.60 -20.04
C ASN A 67 8.15 -4.04 -18.75
N PRO A 68 9.17 -4.73 -18.20
CA PRO A 68 9.69 -4.32 -16.88
C PRO A 68 10.35 -2.97 -16.80
N GLN A 69 11.10 -2.57 -17.84
CA GLN A 69 11.83 -1.31 -17.81
C GLN A 69 10.93 -0.08 -17.87
N ASN A 70 9.71 -0.23 -18.45
CA ASN A 70 8.80 0.92 -18.63
C ASN A 70 7.55 0.86 -17.77
N THR A 71 7.57 0.02 -16.69
CA THR A 71 6.44 -0.09 -15.75
C THR A 71 6.94 0.48 -14.43
N VAL A 72 6.41 1.66 -14.06
CA VAL A 72 6.85 2.40 -12.89
C VAL A 72 5.95 2.12 -11.70
N PHE A 73 6.57 2.01 -10.51
CA PHE A 73 5.88 1.81 -9.24
C PHE A 73 6.78 2.42 -8.17
N ASP A 74 6.36 2.39 -6.90
CA ASP A 74 7.18 2.92 -5.78
C ASP A 74 7.50 4.44 -5.90
N ALA A 75 6.71 5.21 -6.69
CA ALA A 75 7.00 6.66 -6.80
C ALA A 75 6.90 7.33 -5.41
N LYS A 76 6.11 6.75 -4.47
CA LYS A 76 5.96 7.31 -3.12
C LYS A 76 7.31 7.28 -2.37
N ARG A 77 8.23 6.38 -2.75
CA ARG A 77 9.56 6.30 -2.09
C ARG A 77 10.47 7.46 -2.56
N LEU A 78 10.17 8.07 -3.71
CA LEU A 78 10.96 9.17 -4.28
C LEU A 78 10.34 10.55 -4.03
N ILE A 79 9.00 10.60 -3.90
CA ILE A 79 8.27 11.87 -3.89
C ILE A 79 8.76 12.85 -2.81
N GLY A 80 9.07 14.07 -3.24
CA GLY A 80 9.56 15.12 -2.34
C GLY A 80 10.98 14.95 -1.86
N ARG A 81 11.73 13.98 -2.43
CA ARG A 81 13.12 13.79 -2.04
C ARG A 81 14.08 14.35 -3.07
N LYS A 82 15.28 14.77 -2.61
CA LYS A 82 16.34 15.21 -3.52
C LYS A 82 17.15 13.97 -3.93
N PHE A 83 17.91 14.02 -5.05
CA PHE A 83 18.64 12.84 -5.53
C PHE A 83 19.68 12.35 -4.53
N GLY A 84 20.27 13.29 -3.79
CA GLY A 84 21.29 13.03 -2.79
C GLY A 84 20.79 12.35 -1.53
N ASP A 85 19.47 12.27 -1.38
CA ASP A 85 18.88 11.69 -0.17
C ASP A 85 19.38 10.26 -0.03
N PRO A 86 19.78 9.85 1.17
CA PRO A 86 20.29 8.48 1.31
C PRO A 86 19.26 7.41 0.92
N VAL A 87 17.98 7.68 1.14
CA VAL A 87 16.92 6.75 0.81
C VAL A 87 16.85 6.49 -0.71
N VAL A 88 16.96 7.55 -1.49
CA VAL A 88 16.97 7.48 -2.97
C VAL A 88 18.19 6.64 -3.40
N GLN A 89 19.35 6.94 -2.81
CA GLN A 89 20.60 6.26 -3.14
C GLN A 89 20.52 4.76 -2.88
N SER A 90 19.84 4.35 -1.81
CA SER A 90 19.70 2.93 -1.47
C SER A 90 18.62 2.22 -2.30
N ASP A 91 17.47 2.86 -2.44
CA ASP A 91 16.31 2.31 -3.15
C ASP A 91 16.49 2.02 -4.65
N MET A 92 17.25 2.86 -5.34
CA MET A 92 17.42 2.75 -6.78
C MET A 92 17.92 1.42 -7.30
N LYS A 93 18.81 0.78 -6.56
CA LYS A 93 19.36 -0.50 -7.00
C LYS A 93 18.35 -1.63 -7.11
N HIS A 94 17.20 -1.49 -6.47
CA HIS A 94 16.17 -2.54 -6.45
C HIS A 94 15.09 -2.39 -7.52
N TRP A 95 15.13 -1.30 -8.31
CA TRP A 95 14.10 -1.09 -9.32
C TRP A 95 14.55 -1.43 -10.73
N PRO A 96 13.61 -2.02 -11.52
CA PRO A 96 13.92 -2.34 -12.93
C PRO A 96 13.91 -1.15 -13.89
N PHE A 97 13.26 -0.05 -13.48
CA PHE A 97 13.19 1.17 -14.30
C PHE A 97 14.37 2.09 -13.93
N GLN A 98 14.73 2.99 -14.85
CA GLN A 98 15.85 3.91 -14.66
C GLN A 98 15.45 5.16 -13.87
N VAL A 99 16.31 5.58 -12.94
CA VAL A 99 16.14 6.84 -12.21
C VAL A 99 17.34 7.69 -12.62
N ILE A 100 17.06 8.89 -13.12
CA ILE A 100 18.09 9.86 -13.55
C ILE A 100 18.13 11.01 -12.54
N ASN A 101 19.18 11.83 -12.61
CA ASN A 101 19.36 12.98 -11.74
C ASN A 101 19.33 14.25 -12.58
N ASP A 102 18.34 15.14 -12.32
CA ASP A 102 18.23 16.41 -13.05
C ASP A 102 18.34 17.54 -12.03
N GLY A 103 19.54 18.11 -11.90
CA GLY A 103 19.81 19.17 -10.93
C GLY A 103 19.40 18.78 -9.52
N ASP A 104 19.89 17.62 -9.04
CA ASP A 104 19.60 17.10 -7.69
C ASP A 104 18.13 16.68 -7.48
N LYS A 105 17.38 16.44 -8.57
CA LYS A 105 15.99 15.97 -8.47
C LYS A 105 15.88 14.64 -9.17
N PRO A 106 15.34 13.60 -8.52
CA PRO A 106 15.19 12.32 -9.22
C PRO A 106 14.04 12.39 -10.23
N LYS A 107 14.22 11.73 -11.37
CA LYS A 107 13.16 11.55 -12.38
C LYS A 107 13.22 10.12 -12.85
N VAL A 108 12.06 9.55 -13.17
N VAL A 108 12.07 9.54 -13.17
CA VAL A 108 12.00 8.19 -13.71
CA VAL A 108 12.01 8.18 -13.72
C VAL A 108 12.07 8.35 -15.23
C VAL A 108 12.05 8.31 -15.24
N GLN A 109 12.98 7.59 -15.89
CA GLN A 109 13.15 7.66 -17.35
C GLN A 109 12.64 6.40 -18.00
N VAL A 110 11.76 6.57 -18.99
CA VAL A 110 11.11 5.45 -19.69
C VAL A 110 11.08 5.66 -21.20
N SER A 111 10.71 4.60 -21.93
CA SER A 111 10.44 4.64 -23.36
C SER A 111 8.91 4.70 -23.47
N TYR A 112 8.40 5.67 -24.24
CA TYR A 112 6.97 5.90 -24.42
C TYR A 112 6.68 6.33 -25.84
N LYS A 113 5.83 5.56 -26.55
CA LYS A 113 5.49 5.84 -27.95
C LYS A 113 6.77 6.01 -28.80
N GLY A 114 7.77 5.17 -28.52
CA GLY A 114 9.04 5.16 -29.23
C GLY A 114 9.96 6.34 -28.96
N GLU A 115 9.79 7.01 -27.80
CA GLU A 115 10.64 8.16 -27.43
C GLU A 115 11.08 8.06 -25.98
N THR A 116 12.28 8.60 -25.65
CA THR A 116 12.75 8.62 -24.25
C THR A 116 12.06 9.81 -23.56
N LYS A 117 11.36 9.54 -22.44
CA LYS A 117 10.67 10.57 -21.66
C LYS A 117 11.06 10.42 -20.20
N ALA A 118 11.04 11.51 -19.46
CA ALA A 118 11.32 11.44 -18.02
C ALA A 118 10.28 12.19 -17.22
N PHE A 119 9.88 11.64 -16.07
CA PHE A 119 8.83 12.20 -15.25
C PHE A 119 9.27 12.35 -13.82
N TYR A 120 8.87 13.46 -13.21
CA TYR A 120 9.15 13.68 -11.79
C TYR A 120 8.24 12.70 -10.99
N PRO A 121 8.63 12.35 -9.75
CA PRO A 121 7.80 11.46 -8.93
C PRO A 121 6.36 11.97 -8.77
N GLU A 122 6.21 13.30 -8.57
CA GLU A 122 4.86 13.87 -8.41
C GLU A 122 4.05 13.80 -9.71
N GLU A 123 4.72 13.72 -10.88
CA GLU A 123 3.98 13.53 -12.13
C GLU A 123 3.45 12.08 -12.19
N ILE A 124 4.28 11.09 -11.77
CA ILE A 124 3.81 9.69 -11.74
C ILE A 124 2.64 9.57 -10.75
N SER A 125 2.81 10.11 -9.52
CA SER A 125 1.73 10.04 -8.52
C SER A 125 0.50 10.83 -9.01
N SER A 126 0.68 11.91 -9.79
CA SER A 126 -0.49 12.62 -10.35
C SER A 126 -1.29 11.71 -11.31
N MET A 127 -0.58 10.80 -12.04
CA MET A 127 -1.27 9.87 -12.96
C MET A 127 -2.13 8.87 -12.15
N VAL A 128 -1.57 8.37 -11.03
CA VAL A 128 -2.30 7.47 -10.12
C VAL A 128 -3.53 8.23 -9.54
N LEU A 129 -3.35 9.49 -9.11
CA LEU A 129 -4.44 10.30 -8.56
C LEU A 129 -5.51 10.60 -9.62
N THR A 130 -5.10 10.80 -10.90
CA THR A 130 -6.08 11.02 -11.99
C THR A 130 -6.97 9.76 -12.13
N LYS A 131 -6.36 8.57 -12.04
CA LYS A 131 -7.08 7.30 -12.12
C LYS A 131 -8.09 7.19 -10.97
N MET A 132 -7.68 7.51 -9.74
CA MET A 132 -8.59 7.47 -8.58
C MET A 132 -9.74 8.47 -8.73
N LYS A 133 -9.47 9.69 -9.24
CA LYS A 133 -10.46 10.73 -9.51
C LYS A 133 -11.48 10.20 -10.53
N GLU A 134 -11.01 9.60 -11.64
CA GLU A 134 -11.85 9.03 -12.69
C GLU A 134 -12.70 7.85 -12.17
N ILE A 135 -12.14 7.01 -11.27
CA ILE A 135 -12.87 5.88 -10.69
C ILE A 135 -14.05 6.47 -9.87
N ALA A 136 -13.79 7.55 -9.09
CA ALA A 136 -14.86 8.18 -8.30
C ALA A 136 -15.93 8.83 -9.22
N GLU A 137 -15.50 9.49 -10.30
CA GLU A 137 -16.44 10.14 -11.24
C GLU A 137 -17.33 9.12 -11.96
N ALA A 138 -16.77 7.93 -12.26
CA ALA A 138 -17.53 6.85 -12.91
C ALA A 138 -18.70 6.35 -12.03
N TYR A 139 -18.53 6.43 -10.69
CA TYR A 139 -19.52 6.03 -9.72
C TYR A 139 -20.50 7.16 -9.43
N LEU A 140 -19.98 8.36 -9.18
CA LEU A 140 -20.83 9.51 -8.84
C LEU A 140 -21.64 10.06 -10.00
N GLY A 141 -21.07 10.01 -11.21
CA GLY A 141 -21.78 10.50 -12.40
C GLY A 141 -21.64 11.99 -12.66
N TYR A 142 -20.67 12.64 -12.01
CA TYR A 142 -20.39 14.06 -12.20
C TYR A 142 -18.93 14.34 -11.90
N PRO A 143 -18.35 15.49 -12.37
CA PRO A 143 -16.93 15.75 -12.08
C PRO A 143 -16.65 15.97 -10.61
N VAL A 144 -15.50 15.45 -10.15
CA VAL A 144 -15.03 15.57 -8.78
C VAL A 144 -13.87 16.56 -8.78
N THR A 145 -13.89 17.54 -7.88
CA THR A 145 -12.85 18.55 -7.82
C THR A 145 -12.15 18.68 -6.47
N ASN A 146 -12.73 18.15 -5.38
CA ASN A 146 -12.21 18.28 -4.01
C ASN A 146 -11.83 16.94 -3.39
N ALA A 147 -10.66 16.88 -2.77
CA ALA A 147 -10.24 15.64 -2.15
C ALA A 147 -9.33 15.83 -0.94
N VAL A 148 -9.30 14.80 -0.10
CA VAL A 148 -8.43 14.74 1.05
C VAL A 148 -7.48 13.61 0.64
N ILE A 149 -6.18 13.83 0.75
CA ILE A 149 -5.17 12.82 0.39
C ILE A 149 -4.33 12.50 1.61
N THR A 150 -4.10 11.22 1.89
CA THR A 150 -3.34 10.83 3.06
C THR A 150 -1.86 10.59 2.77
N VAL A 151 -1.03 10.68 3.84
CA VAL A 151 0.43 10.45 3.78
C VAL A 151 0.88 9.79 5.09
N PRO A 152 2.06 9.14 5.09
CA PRO A 152 2.61 8.63 6.37
C PRO A 152 2.88 9.76 7.37
N ALA A 153 2.71 9.44 8.66
CA ALA A 153 2.94 10.41 9.73
C ALA A 153 4.37 10.99 9.72
N TYR A 154 5.32 10.19 9.24
CA TYR A 154 6.73 10.58 9.19
C TYR A 154 7.13 11.46 8.00
N PHE A 155 6.21 11.70 7.08
CA PHE A 155 6.51 12.52 5.92
C PHE A 155 6.87 13.94 6.36
N ASN A 156 7.88 14.53 5.72
CA ASN A 156 8.33 15.90 6.02
C ASN A 156 7.57 16.95 5.18
N ASP A 157 7.84 18.23 5.41
CA ASP A 157 7.11 19.28 4.64
C ASP A 157 7.29 19.15 3.13
N SER A 158 8.49 18.75 2.67
N SER A 158 8.49 18.75 2.67
CA SER A 158 8.78 18.59 1.23
CA SER A 158 8.80 18.58 1.25
C SER A 158 7.94 17.44 0.64
C SER A 158 7.99 17.43 0.63
N GLN A 159 7.89 16.31 1.35
CA GLN A 159 7.13 15.13 0.89
C GLN A 159 5.60 15.43 0.86
N ARG A 160 5.10 16.18 1.90
CA ARG A 160 3.67 16.59 1.93
C ARG A 160 3.38 17.56 0.78
N GLN A 161 4.25 18.56 0.56
CA GLN A 161 4.07 19.53 -0.51
C GLN A 161 4.06 18.87 -1.90
N ALA A 162 4.98 17.93 -2.15
CA ALA A 162 5.05 17.22 -3.42
C ALA A 162 3.80 16.37 -3.67
N THR A 163 3.24 15.78 -2.58
CA THR A 163 2.00 15.00 -2.68
C THR A 163 0.83 15.94 -3.01
N LYS A 164 0.78 17.11 -2.35
CA LYS A 164 -0.27 18.10 -2.62
C LYS A 164 -0.16 18.59 -4.09
N ASP A 165 1.08 18.83 -4.57
CA ASP A 165 1.35 19.24 -5.96
C ASP A 165 0.85 18.14 -6.90
N ALA A 166 1.09 16.84 -6.56
CA ALA A 166 0.56 15.73 -7.39
C ALA A 166 -0.98 15.81 -7.54
N GLY A 167 -1.65 16.16 -6.44
CA GLY A 167 -3.10 16.36 -6.46
C GLY A 167 -3.53 17.49 -7.40
N VAL A 168 -2.85 18.65 -7.33
CA VAL A 168 -3.17 19.83 -8.18
C VAL A 168 -2.89 19.51 -9.66
N ILE A 169 -1.80 18.76 -9.93
CA ILE A 169 -1.49 18.34 -11.32
C ILE A 169 -2.65 17.47 -11.87
N ALA A 170 -3.25 16.65 -10.97
CA ALA A 170 -4.39 15.78 -11.30
C ALA A 170 -5.73 16.53 -11.44
N GLY A 171 -5.73 17.85 -11.24
CA GLY A 171 -6.94 18.67 -11.36
C GLY A 171 -7.79 18.69 -10.09
N LEU A 172 -7.19 18.31 -8.97
CA LEU A 172 -7.91 18.27 -7.70
C LEU A 172 -7.56 19.45 -6.80
N ASN A 173 -8.52 19.89 -6.01
CA ASN A 173 -8.29 20.91 -5.02
C ASN A 173 -8.09 20.05 -3.78
N VAL A 174 -6.92 20.12 -3.16
CA VAL A 174 -6.67 19.27 -2.00
C VAL A 174 -7.08 19.99 -0.73
N LEU A 175 -8.21 19.57 -0.18
CA LEU A 175 -8.73 20.20 1.05
C LEU A 175 -7.73 20.11 2.20
N ARG A 176 -7.08 18.94 2.35
CA ARG A 176 -6.09 18.74 3.40
C ARG A 176 -5.29 17.50 3.09
N ILE A 177 -4.02 17.52 3.52
CA ILE A 177 -3.10 16.38 3.52
C ILE A 177 -3.17 15.90 4.97
N ILE A 178 -3.61 14.64 5.18
N ILE A 178 -3.60 14.63 5.16
CA ILE A 178 -3.71 14.15 6.56
CA ILE A 178 -3.81 14.07 6.51
C ILE A 178 -2.91 12.87 6.75
C ILE A 178 -2.99 12.83 6.74
N ASN A 179 -2.50 12.61 7.99
CA ASN A 179 -1.72 11.40 8.29
C ASN A 179 -2.57 10.13 8.16
N GLU A 180 -1.99 9.09 7.52
CA GLU A 180 -2.63 7.76 7.37
C GLU A 180 -3.16 7.22 8.74
N PRO A 181 -2.36 7.20 9.84
CA PRO A 181 -2.90 6.70 11.12
C PRO A 181 -4.07 7.55 11.66
N THR A 182 -4.07 8.87 11.44
CA THR A 182 -5.18 9.72 11.84
C THR A 182 -6.46 9.32 11.06
N ALA A 183 -6.32 9.11 9.75
CA ALA A 183 -7.47 8.70 8.92
C ALA A 183 -8.03 7.36 9.43
N ALA A 184 -7.16 6.38 9.72
CA ALA A 184 -7.64 5.08 10.23
C ALA A 184 -8.40 5.25 11.57
N ALA A 185 -7.89 6.12 12.47
CA ALA A 185 -8.58 6.37 13.75
C ALA A 185 -9.94 7.07 13.53
N ILE A 186 -10.02 8.00 12.57
CA ILE A 186 -11.28 8.70 12.24
C ILE A 186 -12.31 7.66 11.72
N ALA A 187 -11.86 6.72 10.87
CA ALA A 187 -12.75 5.68 10.31
C ALA A 187 -13.48 4.89 11.41
N TYR A 188 -12.73 4.56 12.48
CA TYR A 188 -13.27 3.80 13.61
C TYR A 188 -14.01 4.64 14.66
N GLY A 189 -14.13 5.95 14.43
CA GLY A 189 -14.82 6.87 15.35
C GLY A 189 -14.09 7.08 16.67
N LEU A 190 -12.80 6.83 16.68
CA LEU A 190 -11.97 6.92 17.87
C LEU A 190 -11.84 8.31 18.47
N ASP A 191 -12.21 9.33 17.70
CA ASP A 191 -12.17 10.70 18.18
C ASP A 191 -13.51 11.12 18.82
N ARG A 192 -14.46 10.18 18.90
CA ARG A 192 -15.80 10.42 19.46
C ARG A 192 -16.21 9.38 20.52
N THR A 193 -15.31 9.04 21.44
CA THR A 193 -15.60 7.99 22.43
C THR A 193 -15.98 8.47 23.84
N GLU A 197 -8.59 11.18 27.33
CA GLU A 197 -7.42 10.91 26.47
C GLU A 197 -7.60 9.48 25.98
N ARG A 198 -7.56 9.29 24.67
CA ARG A 198 -7.68 7.95 24.11
C ARG A 198 -6.37 7.60 23.41
N ASN A 199 -5.79 6.48 23.81
CA ASN A 199 -4.52 6.02 23.25
C ASN A 199 -4.81 4.95 22.24
N VAL A 200 -4.35 5.17 21.01
CA VAL A 200 -4.62 4.29 19.88
C VAL A 200 -3.33 3.78 19.25
N LEU A 201 -3.27 2.47 18.98
CA LEU A 201 -2.15 1.91 18.27
C LEU A 201 -2.64 1.53 16.87
N ILE A 202 -1.98 2.07 15.84
N ILE A 202 -1.95 2.03 15.84
CA ILE A 202 -2.30 1.74 14.45
CA ILE A 202 -2.28 1.71 14.45
C ILE A 202 -1.20 0.80 13.99
C ILE A 202 -1.18 0.79 13.96
N PHE A 203 -1.56 -0.43 13.58
CA PHE A 203 -0.62 -1.48 13.13
C PHE A 203 -0.83 -1.61 11.65
N ASP A 204 0.02 -0.92 10.87
CA ASP A 204 -0.13 -0.84 9.42
C ASP A 204 0.88 -1.66 8.67
N LEU A 205 0.49 -2.89 8.29
CA LEU A 205 1.37 -3.76 7.54
C LEU A 205 0.90 -3.72 6.08
N GLY A 206 1.62 -2.96 5.26
CA GLY A 206 1.29 -2.76 3.86
C GLY A 206 1.97 -3.69 2.89
N GLY A 207 1.98 -3.31 1.61
CA GLY A 207 2.61 -4.10 0.55
C GLY A 207 4.13 -4.07 0.57
N GLY A 208 4.70 -2.95 0.99
CA GLY A 208 6.15 -2.81 1.01
C GLY A 208 6.71 -2.15 2.26
N THR A 209 5.84 -1.63 3.14
CA THR A 209 6.26 -0.94 4.37
C THR A 209 5.45 -1.38 5.57
N PHE A 210 6.07 -1.28 6.76
CA PHE A 210 5.41 -1.58 8.02
C PHE A 210 5.51 -0.37 8.93
N ASP A 211 4.36 0.19 9.31
CA ASP A 211 4.31 1.38 10.16
C ASP A 211 3.46 1.15 11.40
N VAL A 212 4.06 1.41 12.57
CA VAL A 212 3.35 1.40 13.85
C VAL A 212 3.28 2.86 14.29
N SER A 213 2.07 3.31 14.67
CA SER A 213 1.91 4.65 15.20
C SER A 213 1.14 4.59 16.48
N ILE A 214 1.53 5.42 17.46
CA ILE A 214 0.74 5.53 18.70
C ILE A 214 0.24 6.95 18.74
N LEU A 215 -1.09 7.10 18.79
CA LEU A 215 -1.72 8.42 18.88
C LEU A 215 -2.42 8.59 20.20
N THR A 216 -2.51 9.84 20.68
CA THR A 216 -3.35 10.20 21.82
C THR A 216 -4.37 11.21 21.29
N ILE A 217 -5.65 10.91 21.45
CA ILE A 217 -6.70 11.79 20.96
C ILE A 217 -7.41 12.43 22.14
N ASP A 218 -7.35 13.75 22.20
CA ASP A 218 -8.00 14.49 23.29
C ASP A 218 -8.83 15.64 22.71
N ASP A 219 -10.13 15.64 22.99
CA ASP A 219 -11.02 16.70 22.52
C ASP A 219 -10.91 16.96 21.02
N GLY A 220 -10.93 15.88 20.23
CA GLY A 220 -10.81 15.96 18.78
C GLY A 220 -9.41 16.27 18.25
N ILE A 221 -8.42 16.40 19.15
CA ILE A 221 -7.05 16.71 18.76
C ILE A 221 -6.19 15.45 18.76
N PHE A 222 -5.52 15.18 17.63
CA PHE A 222 -4.65 14.03 17.46
C PHE A 222 -3.20 14.41 17.72
N GLU A 223 -2.54 13.69 18.61
CA GLU A 223 -1.12 13.90 18.90
C GLU A 223 -0.39 12.62 18.54
N VAL A 224 0.68 12.73 17.73
CA VAL A 224 1.50 11.55 17.42
C VAL A 224 2.46 11.38 18.57
N LYS A 225 2.27 10.30 19.36
CA LYS A 225 3.14 10.06 20.50
C LYS A 225 4.41 9.31 20.10
N ALA A 226 4.33 8.41 19.08
CA ALA A 226 5.47 7.61 18.62
C ALA A 226 5.22 7.01 17.25
N THR A 227 6.29 6.81 16.49
CA THR A 227 6.26 6.13 15.19
C THR A 227 7.43 5.13 15.18
N ALA A 228 7.19 3.93 14.64
CA ALA A 228 8.23 2.91 14.53
C ALA A 228 7.87 2.02 13.35
N GLY A 229 8.79 1.16 12.94
CA GLY A 229 8.48 0.26 11.85
C GLY A 229 9.67 -0.09 11.01
N ASP A 230 9.40 -0.51 9.77
CA ASP A 230 10.42 -0.89 8.82
C ASP A 230 9.89 -0.54 7.45
N THR A 231 10.57 0.38 6.75
CA THR A 231 10.13 0.83 5.41
C THR A 231 10.39 -0.21 4.34
N HIS A 232 11.00 -1.36 4.72
CA HIS A 232 11.32 -2.45 3.79
C HIS A 232 10.79 -3.80 4.26
N LEU A 233 9.62 -3.80 4.89
CA LEU A 233 8.95 -5.00 5.35
C LEU A 233 7.48 -4.87 4.96
N GLY A 234 6.98 -5.80 4.18
CA GLY A 234 5.58 -5.78 3.75
C GLY A 234 5.19 -7.05 3.03
N GLY A 235 3.97 -7.05 2.50
CA GLY A 235 3.41 -8.17 1.75
C GLY A 235 4.32 -8.72 0.67
N GLU A 236 5.04 -7.84 -0.06
CA GLU A 236 5.94 -8.26 -1.12
C GLU A 236 7.05 -9.21 -0.63
N ASP A 237 7.49 -9.01 0.63
CA ASP A 237 8.53 -9.85 1.23
C ASP A 237 8.00 -11.25 1.52
N PHE A 238 6.68 -11.38 1.81
CA PHE A 238 6.07 -12.69 2.05
C PHE A 238 5.93 -13.40 0.69
N ASP A 239 5.56 -12.65 -0.37
CA ASP A 239 5.49 -13.20 -1.73
C ASP A 239 6.85 -13.80 -2.13
N ASN A 240 7.94 -13.09 -1.81
CA ASN A 240 9.29 -13.51 -2.17
C ASN A 240 9.75 -14.77 -1.42
N ARG A 241 9.29 -14.98 -0.17
CA ARG A 241 9.60 -16.22 0.57
C ARG A 241 8.94 -17.40 -0.15
N LEU A 242 7.73 -17.17 -0.71
CA LEU A 242 7.04 -18.19 -1.51
C LEU A 242 7.75 -18.40 -2.84
N VAL A 243 8.22 -17.31 -3.50
CA VAL A 243 8.96 -17.42 -4.77
C VAL A 243 10.18 -18.33 -4.58
N ASN A 244 11.00 -18.06 -3.54
CA ASN A 244 12.20 -18.88 -3.29
C ASN A 244 11.89 -20.34 -3.04
N HIS A 245 10.83 -20.60 -2.29
CA HIS A 245 10.39 -21.96 -1.98
C HIS A 245 10.01 -22.69 -3.27
N PHE A 246 9.25 -22.02 -4.13
CA PHE A 246 8.83 -22.58 -5.41
C PHE A 246 9.97 -22.79 -6.42
N VAL A 247 10.95 -21.88 -6.42
CA VAL A 247 12.08 -22.02 -7.31
C VAL A 247 12.80 -23.32 -6.93
N GLU A 248 12.92 -23.57 -5.63
CA GLU A 248 13.55 -24.79 -5.16
C GLU A 248 12.74 -26.02 -5.51
N GLU A 249 11.40 -25.92 -5.44
CA GLU A 249 10.50 -27.01 -5.80
C GLU A 249 10.63 -27.35 -7.30
N PHE A 250 10.72 -26.31 -8.16
CA PHE A 250 10.85 -26.50 -9.61
C PHE A 250 12.17 -27.20 -9.95
N LYS A 251 13.26 -26.86 -9.22
CA LYS A 251 14.58 -27.47 -9.41
C LYS A 251 14.55 -28.96 -9.01
N ARG A 252 13.87 -29.29 -7.91
CA ARG A 252 13.73 -30.66 -7.40
C ARG A 252 12.92 -31.57 -8.35
N LYS A 253 11.79 -31.06 -8.82
CA LYS A 253 10.92 -31.76 -9.77
C LYS A 253 11.41 -31.88 -11.22
N HIS A 254 11.96 -30.78 -11.74
CA HIS A 254 12.40 -30.75 -13.13
C HIS A 254 13.89 -30.64 -13.42
N LYS A 255 14.71 -30.54 -12.40
CA LYS A 255 16.14 -30.44 -12.58
C LYS A 255 16.59 -29.21 -13.39
N LYS A 256 15.81 -28.14 -13.30
CA LYS A 256 16.11 -26.87 -13.95
C LYS A 256 16.03 -25.72 -12.96
N ASP A 257 17.03 -24.84 -13.00
CA ASP A 257 17.09 -23.63 -12.16
C ASP A 257 16.49 -22.45 -12.98
N ILE A 258 15.36 -21.88 -12.49
CA ILE A 258 14.65 -20.77 -13.17
C ILE A 258 14.99 -19.38 -12.59
N SER A 259 15.80 -19.32 -11.52
CA SER A 259 16.11 -18.10 -10.77
C SER A 259 16.72 -16.96 -11.58
N GLN A 260 17.37 -17.26 -12.72
CA GLN A 260 17.99 -16.23 -13.57
C GLN A 260 17.09 -15.78 -14.74
N ASN A 261 15.93 -16.43 -14.91
CA ASN A 261 14.98 -16.05 -15.95
C ASN A 261 14.06 -15.01 -15.33
N LYS A 262 14.29 -13.73 -15.66
CA LYS A 262 13.55 -12.60 -15.09
C LYS A 262 12.03 -12.70 -15.25
N ARG A 263 11.55 -13.10 -16.45
CA ARG A 263 10.12 -13.25 -16.74
C ARG A 263 9.48 -14.37 -15.92
N ALA A 264 10.12 -15.56 -15.87
CA ALA A 264 9.61 -16.72 -15.12
C ALA A 264 9.45 -16.36 -13.64
N VAL A 265 10.46 -15.69 -13.04
CA VAL A 265 10.48 -15.27 -11.63
C VAL A 265 9.31 -14.28 -11.38
N ARG A 266 9.12 -13.30 -12.29
CA ARG A 266 8.04 -12.31 -12.21
C ARG A 266 6.66 -12.98 -12.30
N ARG A 267 6.51 -13.94 -13.21
CA ARG A 267 5.25 -14.66 -13.35
C ARG A 267 4.98 -15.51 -12.11
N LEU A 268 6.02 -16.16 -11.58
CA LEU A 268 5.90 -16.96 -10.37
C LEU A 268 5.49 -16.05 -9.19
N ARG A 269 6.09 -14.85 -9.08
CA ARG A 269 5.78 -13.88 -8.02
C ARG A 269 4.29 -13.46 -8.05
N THR A 270 3.78 -13.20 -9.27
CA THR A 270 2.36 -12.83 -9.45
C THR A 270 1.44 -13.94 -8.91
N ALA A 271 1.77 -15.22 -9.21
CA ALA A 271 1.00 -16.38 -8.74
C ALA A 271 1.12 -16.53 -7.23
N CYS A 272 2.30 -16.28 -6.69
CA CYS A 272 2.52 -16.39 -5.25
C CYS A 272 1.66 -15.40 -4.48
N GLU A 273 1.53 -14.17 -4.98
CA GLU A 273 0.73 -13.17 -4.31
C GLU A 273 -0.72 -13.64 -4.24
N ARG A 274 -1.21 -14.23 -5.33
CA ARG A 274 -2.56 -14.75 -5.37
C ARG A 274 -2.77 -15.89 -4.37
N ALA A 275 -1.82 -16.81 -4.31
CA ALA A 275 -1.88 -17.94 -3.38
C ALA A 275 -1.85 -17.45 -1.94
N LYS A 276 -0.99 -16.46 -1.64
CA LYS A 276 -0.87 -15.89 -0.29
C LYS A 276 -2.25 -15.33 0.17
N ARG A 277 -2.96 -14.58 -0.73
CA ARG A 277 -4.27 -14.01 -0.38
C ARG A 277 -5.25 -15.13 -0.03
N THR A 278 -5.27 -16.19 -0.85
CA THR A 278 -6.15 -17.35 -0.60
C THR A 278 -5.87 -17.98 0.77
N LEU A 279 -4.58 -18.08 1.17
CA LEU A 279 -4.17 -18.66 2.47
C LEU A 279 -4.66 -17.89 3.70
N SER A 280 -5.17 -16.66 3.52
CA SER A 280 -5.71 -15.91 4.64
C SER A 280 -7.15 -16.41 4.97
N SER A 281 -7.82 -17.09 4.03
CA SER A 281 -9.20 -17.57 4.26
C SER A 281 -9.41 -19.09 4.11
N SER A 282 -8.42 -19.79 3.50
CA SER A 282 -8.40 -21.25 3.31
C SER A 282 -7.04 -21.77 3.84
N THR A 283 -6.99 -23.06 4.23
CA THR A 283 -5.74 -23.62 4.76
C THR A 283 -4.82 -24.23 3.67
N GLN A 284 -5.25 -24.17 2.40
N GLN A 284 -5.25 -24.17 2.40
CA GLN A 284 -4.52 -24.66 1.23
CA GLN A 284 -4.49 -24.65 1.24
C GLN A 284 -4.79 -23.75 0.05
C GLN A 284 -4.77 -23.74 0.06
N ALA A 285 -3.81 -23.58 -0.86
CA ALA A 285 -3.96 -22.75 -2.06
C ALA A 285 -3.26 -23.44 -3.23
N SER A 286 -3.92 -23.48 -4.40
CA SER A 286 -3.32 -24.05 -5.60
C SER A 286 -2.47 -23.01 -6.31
N LEU A 287 -1.40 -23.43 -6.95
CA LEU A 287 -0.58 -22.53 -7.72
C LEU A 287 -0.45 -23.21 -9.07
N GLU A 288 -0.94 -22.56 -10.12
CA GLU A 288 -0.91 -23.14 -11.47
C GLU A 288 -0.46 -22.15 -12.53
N ILE A 289 0.71 -22.40 -13.13
CA ILE A 289 1.29 -21.54 -14.17
C ILE A 289 1.53 -22.38 -15.42
N ASP A 290 0.98 -21.93 -16.55
CA ASP A 290 1.18 -22.62 -17.82
C ASP A 290 2.48 -22.15 -18.44
N SER A 291 3.28 -23.08 -18.98
CA SER A 291 4.56 -22.84 -19.67
C SER A 291 5.47 -21.86 -18.88
N LEU A 292 5.77 -22.21 -17.61
CA LEU A 292 6.61 -21.37 -16.75
C LEU A 292 8.05 -21.25 -17.26
N PHE A 293 8.61 -22.39 -17.65
CA PHE A 293 9.96 -22.49 -18.15
C PHE A 293 10.11 -23.64 -19.14
N GLU A 294 10.63 -23.35 -20.33
CA GLU A 294 10.87 -24.36 -21.36
C GLU A 294 9.63 -25.21 -21.69
N GLY A 295 8.46 -24.58 -21.67
CA GLY A 295 7.22 -25.28 -21.98
C GLY A 295 6.66 -26.14 -20.86
N ILE A 296 7.31 -26.10 -19.70
CA ILE A 296 6.89 -26.89 -18.55
C ILE A 296 5.80 -26.18 -17.73
N ASP A 297 4.64 -26.83 -17.54
CA ASP A 297 3.53 -26.30 -16.75
C ASP A 297 3.85 -26.59 -15.29
N PHE A 298 3.71 -25.59 -14.42
CA PHE A 298 4.01 -25.74 -12.99
C PHE A 298 2.70 -25.71 -12.21
N TYR A 299 2.16 -26.90 -11.93
CA TYR A 299 0.89 -27.08 -11.22
C TYR A 299 1.19 -27.69 -9.88
N THR A 300 0.99 -26.91 -8.81
CA THR A 300 1.31 -27.36 -7.45
C THR A 300 0.36 -26.70 -6.43
N SER A 301 0.75 -26.78 -5.16
CA SER A 301 -0.06 -26.19 -4.10
C SER A 301 0.78 -25.93 -2.85
N ILE A 302 0.25 -25.13 -1.94
CA ILE A 302 0.94 -24.84 -0.68
C ILE A 302 -0.05 -24.76 0.48
N THR A 303 0.40 -25.17 1.66
CA THR A 303 -0.44 -25.13 2.85
C THR A 303 -0.20 -23.87 3.66
N ARG A 304 -1.19 -23.48 4.45
CA ARG A 304 -1.04 -22.29 5.29
C ARG A 304 0.13 -22.52 6.29
N ALA A 305 0.23 -23.72 6.90
CA ALA A 305 1.29 -24.05 7.85
C ALA A 305 2.68 -23.88 7.19
N ARG A 306 2.83 -24.31 5.92
CA ARG A 306 4.14 -24.16 5.25
C ARG A 306 4.47 -22.69 5.01
N PHE A 307 3.50 -21.88 4.55
CA PHE A 307 3.67 -20.44 4.35
C PHE A 307 4.06 -19.77 5.67
N GLU A 308 3.39 -20.17 6.78
CA GLU A 308 3.72 -19.62 8.10
C GLU A 308 5.16 -19.93 8.50
N GLU A 309 5.63 -21.16 8.21
CA GLU A 309 7.02 -21.56 8.49
C GLU A 309 7.99 -20.71 7.66
N LEU A 310 7.69 -20.55 6.35
CA LEU A 310 8.55 -19.80 5.43
C LEU A 310 8.74 -18.35 5.83
N CYS A 311 7.73 -17.74 6.49
CA CYS A 311 7.76 -16.32 6.89
C CYS A 311 7.88 -16.13 8.42
N SER A 312 8.14 -17.21 9.19
CA SER A 312 8.08 -17.15 10.66
C SER A 312 8.86 -16.00 11.28
N ASP A 313 10.12 -15.79 10.85
CA ASP A 313 10.99 -14.72 11.36
C ASP A 313 10.39 -13.33 11.05
N LEU A 314 9.88 -13.16 9.84
CA LEU A 314 9.28 -11.90 9.42
C LEU A 314 8.01 -11.54 10.22
N PHE A 315 7.14 -12.52 10.43
CA PHE A 315 5.92 -12.26 11.17
C PHE A 315 6.25 -11.86 12.61
N ARG A 316 7.19 -12.57 13.21
CA ARG A 316 7.61 -12.29 14.58
C ARG A 316 8.22 -10.90 14.70
N SER A 317 8.94 -10.50 13.67
CA SER A 317 9.65 -9.19 13.66
C SER A 317 8.72 -7.98 13.74
N THR A 318 7.42 -8.17 13.45
CA THR A 318 6.44 -7.08 13.52
C THR A 318 6.21 -6.62 14.97
N LEU A 319 6.56 -7.46 15.96
CA LEU A 319 6.33 -7.09 17.37
C LEU A 319 7.40 -6.15 17.94
N GLU A 320 8.62 -6.18 17.41
CA GLU A 320 9.67 -5.29 17.94
C GLU A 320 9.30 -3.81 17.77
N PRO A 321 8.78 -3.41 16.61
CA PRO A 321 8.37 -2.02 16.42
C PRO A 321 7.24 -1.65 17.38
N VAL A 322 6.37 -2.61 17.70
CA VAL A 322 5.29 -2.33 18.66
C VAL A 322 5.87 -2.05 20.06
N GLU A 323 6.81 -2.88 20.49
CA GLU A 323 7.50 -2.71 21.77
C GLU A 323 8.24 -1.36 21.80
N LYS A 324 8.94 -1.02 20.70
CA LYS A 324 9.68 0.24 20.56
C LYS A 324 8.77 1.46 20.66
N ALA A 325 7.64 1.46 19.93
CA ALA A 325 6.68 2.56 19.93
C ALA A 325 6.12 2.77 21.34
N LEU A 326 5.79 1.67 22.08
CA LEU A 326 5.27 1.76 23.46
C LEU A 326 6.28 2.44 24.38
N ARG A 327 7.59 2.11 24.22
CA ARG A 327 8.67 2.70 25.01
C ARG A 327 8.82 4.21 24.73
N ASP A 328 8.79 4.58 23.43
CA ASP A 328 8.92 5.98 23.00
C ASP A 328 7.73 6.82 23.44
N ALA A 329 6.52 6.22 23.45
CA ALA A 329 5.31 6.91 23.88
C ALA A 329 5.17 6.91 25.41
N LYS A 330 6.04 6.14 26.11
CA LYS A 330 6.06 5.98 27.55
C LYS A 330 4.72 5.41 28.06
N LEU A 331 4.19 4.40 27.34
CA LEU A 331 2.92 3.76 27.72
C LEU A 331 3.08 2.26 27.87
N ASP A 332 2.32 1.66 28.79
CA ASP A 332 2.27 0.21 28.97
C ASP A 332 1.16 -0.32 28.02
N LYS A 333 1.14 -1.65 27.74
CA LYS A 333 0.12 -2.29 26.86
C LYS A 333 -1.30 -1.97 27.33
N ALA A 334 -1.56 -2.05 28.67
CA ALA A 334 -2.87 -1.80 29.28
C ALA A 334 -3.39 -0.38 29.07
N GLN A 335 -2.48 0.59 28.81
CA GLN A 335 -2.85 1.99 28.58
C GLN A 335 -3.34 2.24 27.14
N ILE A 336 -3.16 1.26 26.26
CA ILE A 336 -3.62 1.39 24.89
C ILE A 336 -5.07 0.93 24.77
N HIS A 337 -5.95 1.86 24.46
CA HIS A 337 -7.38 1.59 24.29
C HIS A 337 -7.78 0.79 23.04
N ASP A 338 -7.17 1.11 21.91
CA ASP A 338 -7.53 0.48 20.64
C ASP A 338 -6.37 -0.05 19.80
N LEU A 339 -6.57 -1.22 19.20
CA LEU A 339 -5.59 -1.87 18.34
C LEU A 339 -6.21 -1.90 16.95
N VAL A 340 -5.74 -1.02 16.06
CA VAL A 340 -6.35 -0.89 14.73
C VAL A 340 -5.53 -1.54 13.65
N LEU A 341 -6.15 -2.45 12.86
CA LEU A 341 -5.44 -3.09 11.73
C LEU A 341 -5.58 -2.28 10.45
N VAL A 342 -4.45 -2.05 9.76
CA VAL A 342 -4.40 -1.33 8.48
C VAL A 342 -3.50 -2.14 7.55
N GLY A 343 -3.92 -2.24 6.30
CA GLY A 343 -3.17 -2.96 5.25
C GLY A 343 -3.67 -4.38 5.11
N GLY A 344 -3.78 -4.85 3.86
CA GLY A 344 -4.27 -6.19 3.55
C GLY A 344 -3.44 -7.30 4.17
N SER A 345 -2.17 -7.02 4.47
CA SER A 345 -1.30 -8.02 5.09
C SER A 345 -1.73 -8.36 6.53
N THR A 346 -2.57 -7.47 7.15
CA THR A 346 -3.06 -7.73 8.52
C THR A 346 -4.19 -8.74 8.51
N ARG A 347 -4.65 -9.16 7.32
CA ARG A 347 -5.67 -10.19 7.17
C ARG A 347 -5.04 -11.59 7.40
N ILE A 348 -3.70 -11.69 7.40
CA ILE A 348 -3.02 -12.97 7.62
C ILE A 348 -3.32 -13.46 9.05
N PRO A 349 -3.95 -14.65 9.20
CA PRO A 349 -4.32 -15.11 10.55
C PRO A 349 -3.17 -15.16 11.56
N LYS A 350 -1.96 -15.59 11.13
CA LYS A 350 -0.81 -15.68 12.06
C LYS A 350 -0.39 -14.29 12.57
N VAL A 351 -0.47 -13.25 11.72
CA VAL A 351 -0.11 -11.86 12.09
C VAL A 351 -1.11 -11.37 13.16
N GLN A 352 -2.40 -11.66 12.97
CA GLN A 352 -3.44 -11.30 13.97
C GLN A 352 -3.20 -12.03 15.28
N LYS A 353 -2.90 -13.34 15.21
CA LYS A 353 -2.67 -14.15 16.42
C LYS A 353 -1.48 -13.61 17.21
N LEU A 354 -0.36 -13.28 16.53
CA LEU A 354 0.83 -12.73 17.20
C LEU A 354 0.54 -11.42 17.93
N LEU A 355 -0.20 -10.50 17.27
CA LEU A 355 -0.53 -9.21 17.86
C LEU A 355 -1.52 -9.37 19.03
N GLN A 356 -2.57 -10.20 18.86
N GLN A 356 -2.55 -10.20 18.87
CA GLN A 356 -3.57 -10.48 19.90
CA GLN A 356 -3.54 -10.48 19.93
C GLN A 356 -2.89 -11.07 21.15
C GLN A 356 -2.87 -11.06 21.16
N ASP A 357 -1.99 -12.07 20.97
CA ASP A 357 -1.23 -12.71 22.06
C ASP A 357 -0.35 -11.69 22.77
N PHE A 358 0.31 -10.78 22.02
CA PHE A 358 1.13 -9.73 22.61
C PHE A 358 0.29 -8.83 23.54
N PHE A 359 -0.96 -8.52 23.12
CA PHE A 359 -1.87 -7.71 23.91
C PHE A 359 -2.80 -8.55 24.80
N ASN A 360 -2.32 -9.73 25.23
CA ASN A 360 -3.00 -10.65 26.14
C ASN A 360 -4.48 -10.98 25.80
N GLY A 361 -4.74 -11.31 24.53
CA GLY A 361 -6.05 -11.75 24.04
C GLY A 361 -7.08 -10.70 23.69
N ARG A 362 -6.69 -9.44 23.71
CA ARG A 362 -7.63 -8.36 23.40
C ARG A 362 -8.14 -8.35 21.96
N ASP A 363 -9.38 -7.90 21.79
CA ASP A 363 -10.02 -7.82 20.49
C ASP A 363 -9.33 -6.75 19.64
N LEU A 364 -9.26 -6.99 18.33
CA LEU A 364 -8.64 -6.07 17.40
C LEU A 364 -9.70 -5.31 16.60
N ASN A 365 -9.45 -4.05 16.27
CA ASN A 365 -10.40 -3.28 15.47
C ASN A 365 -10.14 -3.72 14.03
N LYS A 366 -11.08 -4.50 13.45
CA LYS A 366 -10.89 -5.07 12.12
C LYS A 366 -12.19 -5.16 11.33
N SER A 367 -13.26 -4.49 11.81
CA SER A 367 -14.57 -4.51 11.16
C SER A 367 -14.60 -3.71 9.85
N ILE A 368 -13.63 -2.80 9.64
CA ILE A 368 -13.49 -2.08 8.38
C ILE A 368 -12.36 -2.80 7.64
N ASN A 369 -12.60 -3.16 6.37
CA ASN A 369 -11.57 -3.85 5.57
CA ASN A 369 -11.59 -3.83 5.55
C ASN A 369 -10.23 -3.13 5.77
N PRO A 370 -9.17 -3.80 6.30
CA PRO A 370 -7.89 -3.10 6.59
C PRO A 370 -7.27 -2.39 5.39
N ASP A 371 -7.50 -2.91 4.18
CA ASP A 371 -6.97 -2.29 2.98
CA ASP A 371 -7.04 -2.34 2.91
C ASP A 371 -7.77 -1.04 2.57
N GLU A 372 -8.93 -0.78 3.24
CA GLU A 372 -9.78 0.38 2.91
C GLU A 372 -9.93 1.41 4.02
N ALA A 373 -9.48 1.08 5.25
CA ALA A 373 -9.68 1.93 6.44
C ALA A 373 -9.13 3.35 6.31
N VAL A 374 -7.96 3.51 5.68
CA VAL A 374 -7.36 4.84 5.47
C VAL A 374 -8.24 5.66 4.48
N ALA A 375 -8.60 5.08 3.32
CA ALA A 375 -9.49 5.83 2.39
C ALA A 375 -10.85 6.16 3.07
N TYR A 376 -11.37 5.23 3.87
CA TYR A 376 -12.64 5.40 4.59
C TYR A 376 -12.56 6.67 5.49
N GLY A 377 -11.52 6.72 6.35
CA GLY A 377 -11.32 7.88 7.21
C GLY A 377 -11.12 9.17 6.42
N ALA A 378 -10.37 9.10 5.29
CA ALA A 378 -10.13 10.28 4.44
C ALA A 378 -11.48 10.77 3.85
N ALA A 379 -12.39 9.83 3.49
CA ALA A 379 -13.68 10.19 2.93
C ALA A 379 -14.58 10.88 3.99
N VAL A 380 -14.54 10.37 5.22
CA VAL A 380 -15.31 10.98 6.33
C VAL A 380 -14.81 12.44 6.55
N GLN A 381 -13.48 12.61 6.64
CA GLN A 381 -12.90 13.94 6.83
C GLN A 381 -13.17 14.89 5.67
N ALA A 382 -13.16 14.37 4.42
CA ALA A 382 -13.44 15.19 3.23
C ALA A 382 -14.85 15.78 3.30
N ALA A 383 -15.85 14.96 3.71
CA ALA A 383 -17.25 15.39 3.84
C ALA A 383 -17.39 16.48 4.92
N ILE A 384 -16.63 16.35 6.04
CA ILE A 384 -16.65 17.34 7.13
C ILE A 384 -16.07 18.69 6.63
N LEU A 385 -14.92 18.65 5.93
CA LEU A 385 -14.22 19.84 5.46
C LEU A 385 -14.92 20.59 4.34
N ILE A 386 -15.57 19.89 3.40
CA ILE A 386 -16.23 20.55 2.26
C ILE A 386 -17.43 21.41 2.75
N LYS A 387 -18.03 21.03 3.90
CA LYS A 387 -19.13 21.76 4.54
C LYS A 387 -18.67 23.17 4.98
N SER A 388 -17.42 23.29 5.46
CA SER A 388 -16.78 24.53 5.92
C SER A 388 -16.49 25.56 4.82
N THR A 389 -16.37 25.11 3.55
CA THR A 389 -16.10 25.97 2.39
C THR A 389 -17.39 26.62 1.89
O2 5P7 B . -0.91 -8.94 -1.63
C1 5P7 B . -1.34 -7.70 -1.08
C2 5P7 B . -0.19 -6.71 -0.93
O1 5P7 B . 0.99 -7.37 -0.55
C3 5P7 B . -0.62 -5.70 0.14
C5 5P7 B . -0.97 -4.32 -0.39
O 5P7 B . -1.33 -3.45 0.66
C4 5P7 B . -1.79 -6.38 0.87
C 5P7 B . -1.81 -7.83 0.37
N 5P7 B . -3.16 -8.37 0.45
C6 5P7 B . -3.48 -9.48 1.21
C9 5P7 B . -4.85 -9.89 1.24
C10 5P7 B . -5.93 -9.30 0.54
C11 5P7 B . -7.19 -9.79 0.64
C12 5P7 B . -7.44 -10.90 1.42
C13 5P7 B . -6.45 -11.51 2.12
C8 5P7 B . -5.12 -11.03 2.04
N2 5P7 B . -4.14 -11.68 2.74
C7 5P7 B . -2.93 -11.19 2.62
N1 5P7 B . -2.53 -10.13 1.90
P PO4 C . 0.19 0.05 0.65
O1 PO4 C . -0.92 0.39 -0.33
O2 PO4 C . -0.22 -1.15 1.53
O3 PO4 C . 1.46 -0.30 -0.12
O4 PO4 C . 0.48 1.24 1.56
S1 DTV D . -20.64 15.01 7.15
C1 DTV D . -20.34 14.16 8.73
C2 DTV D . -19.76 12.78 8.46
O2 DTV D . -18.52 12.83 7.74
C3 DTV D . -19.60 11.98 9.76
O3 DTV D . -18.51 12.50 10.53
C4 DTV D . -19.41 10.51 9.43
S4 DTV D . -19.39 9.49 10.92
C1 EDO E . -11.70 4.49 -14.70
O1 EDO E . -13.11 4.28 -14.61
C2 EDO E . -11.37 5.24 -15.98
O2 EDO E . -10.02 5.71 -15.92
C1 EDO F . -2.43 -19.00 13.27
O1 EDO F . -2.70 -19.50 11.97
C2 EDO F . -2.96 -20.00 14.32
O2 EDO F . -2.28 -21.24 14.21
C1 EDO G . 6.42 18.38 -11.76
O1 EDO G . 5.90 18.86 -13.00
C2 EDO G . 6.81 19.56 -10.86
O2 EDO G . 5.64 20.20 -10.38
C1 EDO H . 15.39 4.80 -21.02
O1 EDO H . 14.03 4.66 -21.31
C2 EDO H . 15.67 4.25 -19.62
O2 EDO H . 17.00 4.57 -19.27
C1 EDO I . 8.55 6.79 2.36
O1 EDO I . 7.73 6.79 1.20
C2 EDO I . 9.67 5.82 2.16
O2 EDO I . 10.51 6.33 1.14
C1 EDO J . 16.99 6.98 6.51
O1 EDO J . 17.37 8.32 6.20
C2 EDO J . 18.13 6.01 6.13
O2 EDO J . 18.50 6.19 4.76
C1 EDO K . 7.91 22.80 0.71
O1 EDO K . 7.66 22.96 2.09
C2 EDO K . 9.35 22.27 0.50
O2 EDO K . 9.46 21.70 -0.80
C1 EDO L . -5.34 -6.63 -1.90
O1 EDO L . -4.86 -6.44 -0.60
C2 EDO L . -4.81 -5.49 -2.76
O2 EDO L . -5.21 -4.28 -2.15
C1 EDO M . 6.79 -8.52 -10.95
O1 EDO M . 7.74 -8.49 -9.90
C2 EDO M . 5.70 -9.54 -10.61
O2 EDO M . 5.16 -10.00 -11.83
C1 EDO N . 2.41 -10.98 -19.01
O1 EDO N . 3.09 -9.76 -18.70
C2 EDO N . 3.17 -12.14 -18.38
O2 EDO N . 4.18 -12.59 -19.28
C1 EDO O . -8.99 16.10 11.94
O1 EDO O . -8.37 17.24 12.49
C2 EDO O . -8.03 15.46 10.90
O2 EDO O . -7.60 16.44 9.96
C1 EDO P . -1.71 15.61 9.56
O1 EDO P . -2.82 14.79 9.92
C2 EDO P . -2.06 17.11 9.50
O2 EDO P . -3.15 17.33 8.60
MG MG Q . -1.01 2.01 3.21
#